data_2BXV
#
_entry.id   2BXV
#
_cell.length_a   90.652
_cell.length_b   90.652
_cell.length_c   123.213
_cell.angle_alpha   90.00
_cell.angle_beta   90.00
_cell.angle_gamma   120.00
#
_symmetry.space_group_name_H-M   'P 32 2 1'
#
loop_
_entity.id
_entity.type
_entity.pdbx_description
1 polymer 'DIHYDROOROTATE DEHYDROGENASE'
2 non-polymer 'SULFATE ION'
3 non-polymer 'ACETATE ION'
4 non-polymer 'FLAVIN MONONUCLEOTIDE'
5 non-polymer 'OROTIC ACID'
6 non-polymer "2-({[3-FLUORO-3'-(TRIFLUOROMETHOXY)BIPHENYL-4-YL]AMINO}CARBONYL)CYCLOPENT-1-ENE-1-CARBOXYLIC ACID"
7 water water
#
_entity_poly.entity_id   1
_entity_poly.type   'polypeptide(L)'
_entity_poly.pdbx_seq_one_letter_code
;MATGDERFYAEHLMPTLQGLLDPESAHRLAVRFTSLGLLPRARFQDSDMLEVRVLGHKFRNPVGIAAGFDKHGEAVDGLY
KMGFGFVEIGSVTPKPQEGNPRPRVFRLPEDQAVINRYGFNSHGLSVVEHRLRARQQKQAKLTEDGLPLGVNLGKNKTSV
DAAEDYAEGVRVLGPLADYLVVNVSSPNTAGLRSLQGKAELRRLLTKVLQERDGLRRVHRPAVLVKIAPDLTSQDKEDIA
SVVKELGIDGLIVTNTTVSRPAGLQGALRSETGGLSGKPLRDLSTQTIREMYALTQGRVPIIGVGGVSSGQDALEKIRAG
ASLVQLYTALTFWGPPVVGKVKRELEALLKEQGFGGVTDAIGADHRR
;
_entity_poly.pdbx_strand_id   A
#
loop_
_chem_comp.id
_chem_comp.type
_chem_comp.name
_chem_comp.formula
3FT non-polymer '2-({[3-FLUORO-3'-(TRIFLUOROMETHOXY)BIPHENYL-4-YL]AMINO}CARBONYL)CYCLOPENT-1-ENE-1-CARBOXYLIC ACID' 'C20 H15 F4 N O4'
ACT non-polymer 'ACETATE ION' 'C2 H3 O2 -1'
FMN non-polymer 'FLAVIN MONONUCLEOTIDE' 'C17 H21 N4 O9 P'
ORO non-polymer 'OROTIC ACID' 'C5 H4 N2 O4'
SO4 non-polymer 'SULFATE ION' 'O4 S -2'
#
# COMPACT_ATOMS: atom_id res chain seq x y z
N MET A 1 -1.74 17.53 -18.49
CA MET A 1 -1.82 16.38 -19.44
C MET A 1 -0.42 15.87 -19.78
N ALA A 2 0.53 16.80 -19.88
CA ALA A 2 1.91 16.45 -20.20
C ALA A 2 2.86 17.34 -19.40
N THR A 3 2.32 18.42 -18.86
CA THR A 3 3.11 19.36 -18.07
C THR A 3 3.36 18.79 -16.67
N GLY A 4 2.32 18.79 -15.84
CA GLY A 4 2.46 18.27 -14.49
C GLY A 4 1.95 19.24 -13.45
N ASP A 5 1.02 20.10 -13.85
CA ASP A 5 0.46 21.10 -12.96
C ASP A 5 -0.64 20.52 -12.07
N GLU A 6 -0.47 20.68 -10.77
CA GLU A 6 -1.41 20.19 -9.77
C GLU A 6 -2.83 20.73 -9.94
N ARG A 7 -2.94 22.02 -10.22
CA ARG A 7 -4.26 22.64 -10.40
C ARG A 7 -4.99 22.14 -11.64
N PHE A 8 -4.26 22.02 -12.75
CA PHE A 8 -4.87 21.55 -13.99
C PHE A 8 -5.47 20.16 -13.82
N TYR A 9 -4.68 19.24 -13.26
CA TYR A 9 -5.14 17.88 -13.05
C TYR A 9 -6.29 17.80 -12.07
N ALA A 10 -6.12 18.45 -10.93
CA ALA A 10 -7.14 18.45 -9.89
C ALA A 10 -8.43 19.14 -10.29
N GLU A 11 -8.30 20.29 -10.97
CA GLU A 11 -9.46 21.06 -11.37
C GLU A 11 -10.06 20.77 -12.76
N HIS A 12 -9.24 20.25 -13.67
CA HIS A 12 -9.74 20.00 -15.03
C HIS A 12 -9.64 18.59 -15.58
N LEU A 13 -8.43 18.06 -15.69
CA LEU A 13 -8.23 16.73 -16.24
C LEU A 13 -8.98 15.62 -15.51
N MET A 14 -8.63 15.39 -14.25
CA MET A 14 -9.29 14.34 -13.45
C MET A 14 -10.81 14.47 -13.43
N PRO A 15 -11.33 15.68 -13.15
CA PRO A 15 -12.78 15.86 -13.10
C PRO A 15 -13.44 15.50 -14.44
N THR A 16 -12.74 15.78 -15.54
CA THR A 16 -13.27 15.48 -16.87
C THR A 16 -13.24 13.96 -17.12
N LEU A 17 -12.17 13.31 -16.69
CA LEU A 17 -12.05 11.87 -16.87
C LEU A 17 -13.18 11.15 -16.14
N GLN A 18 -13.47 11.59 -14.92
N GLN A 18 -13.47 11.59 -14.92
CA GLN A 18 -14.52 10.96 -14.13
CA GLN A 18 -14.52 10.96 -14.13
C GLN A 18 -15.91 11.18 -14.74
C GLN A 18 -15.91 11.18 -14.74
N GLY A 19 -16.06 12.27 -15.48
CA GLY A 19 -17.34 12.56 -16.10
C GLY A 19 -17.55 11.79 -17.38
N LEU A 20 -16.49 11.16 -17.88
CA LEU A 20 -16.59 10.39 -19.12
C LEU A 20 -16.59 8.88 -18.93
N LEU A 21 -15.89 8.42 -17.89
CA LEU A 21 -15.80 6.99 -17.62
C LEU A 21 -16.23 6.62 -16.22
N ASP A 22 -16.74 5.40 -16.06
CA ASP A 22 -17.14 4.90 -14.75
C ASP A 22 -15.81 4.68 -14.01
N PRO A 23 -15.86 4.59 -12.68
CA PRO A 23 -14.63 4.39 -11.89
C PRO A 23 -13.71 3.23 -12.27
N GLU A 24 -14.25 2.06 -12.58
CA GLU A 24 -13.39 0.95 -12.93
C GLU A 24 -12.70 1.17 -14.28
N SER A 25 -13.44 1.68 -15.26
CA SER A 25 -12.86 1.96 -16.57
C SER A 25 -11.77 3.01 -16.45
N ALA A 26 -12.02 4.01 -15.61
CA ALA A 26 -11.05 5.07 -15.39
C ALA A 26 -9.77 4.45 -14.83
N HIS A 27 -9.91 3.54 -13.88
CA HIS A 27 -8.74 2.89 -13.28
C HIS A 27 -7.95 2.09 -14.33
N ARG A 28 -8.65 1.30 -15.14
CA ARG A 28 -8.01 0.50 -16.17
C ARG A 28 -7.23 1.39 -17.14
N LEU A 29 -7.82 2.53 -17.51
CA LEU A 29 -7.15 3.45 -18.42
C LEU A 29 -5.92 4.02 -17.72
N ALA A 30 -6.05 4.26 -16.41
CA ALA A 30 -4.95 4.78 -15.61
C ALA A 30 -3.78 3.81 -15.64
N VAL A 31 -4.08 2.52 -15.52
CA VAL A 31 -3.04 1.51 -15.53
C VAL A 31 -2.36 1.48 -16.91
N ARG A 32 -3.16 1.56 -17.97
CA ARG A 32 -2.62 1.57 -19.32
C ARG A 32 -1.66 2.74 -19.53
N PHE A 33 -2.13 3.94 -19.23
CA PHE A 33 -1.31 5.14 -19.41
C PHE A 33 -0.05 5.11 -18.58
N THR A 34 -0.16 4.65 -17.33
CA THR A 34 1.00 4.59 -16.46
C THR A 34 2.02 3.61 -17.02
N SER A 35 1.56 2.43 -17.43
CA SER A 35 2.45 1.41 -17.98
C SER A 35 3.15 1.92 -19.24
N LEU A 36 2.54 2.87 -19.93
CA LEU A 36 3.10 3.43 -21.15
C LEU A 36 3.91 4.71 -20.91
N GLY A 37 4.06 5.10 -19.65
CA GLY A 37 4.82 6.29 -19.35
C GLY A 37 4.17 7.61 -19.73
N LEU A 38 2.88 7.58 -20.04
CA LEU A 38 2.16 8.80 -20.41
C LEU A 38 1.85 9.58 -19.13
N LEU A 39 2.87 10.24 -18.59
CA LEU A 39 2.72 10.99 -17.35
C LEU A 39 3.27 12.41 -17.47
N PRO A 40 2.77 13.32 -16.63
CA PRO A 40 3.19 14.72 -16.62
C PRO A 40 4.56 14.90 -15.97
N PHE A 44 10.07 17.09 -9.63
CA PHE A 44 10.61 17.12 -8.27
C PHE A 44 11.77 16.16 -8.08
N GLN A 45 12.89 16.68 -7.58
CA GLN A 45 14.06 15.86 -7.34
C GLN A 45 14.11 15.50 -5.85
N ASP A 46 14.19 14.21 -5.57
CA ASP A 46 14.25 13.73 -4.20
C ASP A 46 15.52 14.21 -3.51
N SER A 47 15.36 14.86 -2.37
CA SER A 47 16.51 15.35 -1.61
C SER A 47 16.96 14.23 -0.69
N ASP A 48 18.19 14.29 -0.23
CA ASP A 48 18.73 13.28 0.67
C ASP A 48 17.89 13.19 1.95
N MET A 49 17.18 14.26 2.26
CA MET A 49 16.33 14.31 3.45
C MET A 49 15.24 13.25 3.40
N LEU A 50 14.74 12.97 2.21
CA LEU A 50 13.67 12.01 2.04
C LEU A 50 14.11 10.55 2.03
N GLU A 51 15.42 10.32 1.98
CA GLU A 51 15.94 8.96 1.97
C GLU A 51 15.73 8.23 3.29
N VAL A 52 15.36 6.96 3.20
CA VAL A 52 15.11 6.14 4.36
C VAL A 52 15.69 4.75 4.18
N ARG A 53 16.28 4.20 5.24
CA ARG A 53 16.82 2.85 5.18
C ARG A 53 16.09 1.95 6.17
N VAL A 54 15.39 0.95 5.65
CA VAL A 54 14.63 0.00 6.45
C VAL A 54 14.38 -1.27 5.64
N LEU A 55 13.92 -2.32 6.33
CA LEU A 55 13.59 -3.58 5.67
C LEU A 55 14.73 -4.14 4.84
N GLY A 56 15.97 -3.76 5.19
CA GLY A 56 17.13 -4.25 4.46
C GLY A 56 17.32 -3.56 3.12
N HIS A 57 16.79 -2.35 3.00
CA HIS A 57 16.89 -1.59 1.76
C HIS A 57 16.89 -0.08 1.95
N LYS A 58 17.35 0.61 0.91
CA LYS A 58 17.39 2.06 0.91
C LYS A 58 16.20 2.51 0.08
N PHE A 59 15.50 3.53 0.55
CA PHE A 59 14.34 4.06 -0.17
C PHE A 59 14.62 5.53 -0.50
N ARG A 60 14.66 5.86 -1.79
CA ARG A 60 14.92 7.23 -2.23
C ARG A 60 14.03 8.25 -1.51
N ASN A 61 12.76 7.91 -1.39
CA ASN A 61 11.79 8.76 -0.69
C ASN A 61 10.82 7.76 -0.05
N PRO A 62 10.14 8.18 1.03
CA PRO A 62 9.19 7.35 1.77
C PRO A 62 7.77 7.25 1.24
N VAL A 63 7.53 7.74 0.03
CA VAL A 63 6.19 7.72 -0.52
C VAL A 63 5.98 6.64 -1.59
N GLY A 64 5.16 5.64 -1.28
CA GLY A 64 4.93 4.57 -2.23
C GLY A 64 3.49 4.45 -2.67
N ILE A 65 3.26 3.68 -3.74
CA ILE A 65 1.92 3.46 -4.24
C ILE A 65 1.40 2.20 -3.55
N ALA A 66 0.26 2.34 -2.88
CA ALA A 66 -0.36 1.24 -2.16
C ALA A 66 -0.85 0.12 -3.07
N ALA A 67 -0.99 -1.07 -2.49
CA ALA A 67 -1.48 -2.24 -3.21
C ALA A 67 -2.89 -1.97 -3.73
N GLY A 68 -3.21 -2.56 -4.87
CA GLY A 68 -4.54 -2.37 -5.43
C GLY A 68 -4.57 -1.58 -6.73
N PHE A 69 -3.71 -0.58 -6.87
CA PHE A 69 -3.67 0.19 -8.10
C PHE A 69 -3.11 -0.66 -9.24
N ASP A 70 -2.01 -1.35 -8.96
CA ASP A 70 -1.37 -2.24 -9.94
C ASP A 70 -1.43 -3.65 -9.37
N LYS A 71 -2.61 -4.25 -9.43
CA LYS A 71 -2.83 -5.60 -8.91
C LYS A 71 -2.04 -6.71 -9.60
N HIS A 72 -1.76 -6.54 -10.89
CA HIS A 72 -1.07 -7.59 -11.65
C HIS A 72 0.36 -7.26 -12.09
N GLY A 73 0.95 -6.22 -11.51
CA GLY A 73 2.31 -5.84 -11.86
C GLY A 73 2.52 -5.40 -13.30
N GLU A 74 1.62 -4.59 -13.82
CA GLU A 74 1.71 -4.12 -15.20
C GLU A 74 2.27 -2.72 -15.39
N ALA A 75 2.31 -1.92 -14.34
CA ALA A 75 2.77 -0.55 -14.48
C ALA A 75 3.88 -0.13 -13.51
N VAL A 76 4.64 -1.11 -13.02
CA VAL A 76 5.70 -0.84 -12.05
C VAL A 76 6.65 0.29 -12.47
N ASP A 77 7.26 0.16 -13.64
CA ASP A 77 8.18 1.16 -14.13
C ASP A 77 7.53 2.54 -14.29
N GLY A 78 6.29 2.55 -14.76
CA GLY A 78 5.59 3.82 -14.91
C GLY A 78 5.38 4.48 -13.57
N LEU A 79 5.13 3.66 -12.55
CA LEU A 79 4.90 4.17 -11.20
C LEU A 79 6.15 4.80 -10.60
N TYR A 80 7.32 4.22 -10.87
CA TYR A 80 8.56 4.81 -10.37
C TYR A 80 8.74 6.15 -11.09
N LYS A 81 8.39 6.17 -12.37
CA LYS A 81 8.51 7.39 -13.16
C LYS A 81 7.60 8.47 -12.59
N MET A 82 6.50 8.05 -11.99
CA MET A 82 5.54 8.97 -11.40
C MET A 82 6.11 9.62 -10.14
N GLY A 83 7.19 9.05 -9.61
CA GLY A 83 7.80 9.63 -8.43
C GLY A 83 7.75 8.82 -7.15
N PHE A 84 7.07 7.67 -7.16
CA PHE A 84 7.00 6.85 -5.95
C PHE A 84 8.36 6.28 -5.57
N GLY A 85 8.66 6.34 -4.27
CA GLY A 85 9.93 5.83 -3.76
C GLY A 85 9.99 4.32 -3.74
N PHE A 86 8.83 3.68 -3.82
CA PHE A 86 8.77 2.23 -3.86
C PHE A 86 7.40 1.83 -4.38
N VAL A 87 7.31 0.65 -4.97
CA VAL A 87 6.07 0.18 -5.55
C VAL A 87 5.64 -1.15 -4.98
N GLU A 88 4.35 -1.27 -4.69
CA GLU A 88 3.79 -2.51 -4.17
C GLU A 88 2.69 -2.96 -5.14
N ILE A 89 2.81 -4.17 -5.67
CA ILE A 89 1.79 -4.69 -6.58
C ILE A 89 0.94 -5.71 -5.81
N GLY A 90 -0.22 -6.04 -6.37
CA GLY A 90 -1.10 -6.99 -5.71
C GLY A 90 -2.39 -6.36 -5.23
N SER A 91 -3.22 -7.11 -4.52
CA SER A 91 -2.93 -8.49 -4.14
C SER A 91 -2.99 -9.47 -5.31
N VAL A 92 -2.15 -10.50 -5.24
CA VAL A 92 -2.12 -11.55 -6.25
C VAL A 92 -2.60 -12.85 -5.59
N THR A 93 -3.47 -13.59 -6.26
CA THR A 93 -3.96 -14.84 -5.71
C THR A 93 -3.25 -15.98 -6.46
N PRO A 94 -3.16 -17.17 -5.85
CA PRO A 94 -2.48 -18.28 -6.54
C PRO A 94 -3.03 -18.52 -7.94
N LYS A 95 -4.32 -18.81 -8.01
CA LYS A 95 -4.97 -19.06 -9.29
C LYS A 95 -5.66 -17.80 -9.75
N PRO A 96 -5.81 -17.63 -11.08
CA PRO A 96 -6.48 -16.42 -11.56
C PRO A 96 -7.94 -16.48 -11.10
N GLN A 97 -8.54 -15.31 -10.89
CA GLN A 97 -9.95 -15.23 -10.52
C GLN A 97 -10.44 -13.84 -10.91
N GLU A 98 -11.72 -13.76 -11.28
CA GLU A 98 -12.31 -12.52 -11.73
C GLU A 98 -12.72 -11.48 -10.70
N GLY A 99 -12.99 -11.92 -9.47
CA GLY A 99 -13.41 -10.98 -8.44
C GLY A 99 -14.93 -10.84 -8.47
N ASN A 100 -15.47 -9.87 -7.73
CA ASN A 100 -16.91 -9.65 -7.69
C ASN A 100 -17.43 -9.03 -8.97
N PRO A 101 -18.74 -9.16 -9.23
CA PRO A 101 -19.37 -8.60 -10.42
C PRO A 101 -19.44 -7.07 -10.31
N ARG A 102 -19.51 -6.39 -11.46
CA ARG A 102 -19.58 -4.92 -11.49
C ARG A 102 -21.01 -4.43 -11.27
N PRO A 103 -21.18 -3.22 -10.71
CA PRO A 103 -20.13 -2.29 -10.27
C PRO A 103 -19.49 -2.77 -8.98
N ARG A 104 -18.19 -2.51 -8.81
CA ARG A 104 -17.48 -2.96 -7.64
C ARG A 104 -16.57 -1.88 -7.05
N VAL A 105 -16.64 -0.67 -7.59
CA VAL A 105 -15.83 0.44 -7.09
C VAL A 105 -16.70 1.71 -7.19
N PHE A 106 -16.68 2.54 -6.15
CA PHE A 106 -17.51 3.73 -6.13
C PHE A 106 -16.81 4.98 -5.62
N ARG A 107 -17.07 6.11 -6.26
CA ARG A 107 -16.47 7.37 -5.88
C ARG A 107 -17.39 8.15 -4.95
N LEU A 108 -16.80 8.77 -3.93
CA LEU A 108 -17.53 9.61 -2.98
C LEU A 108 -16.77 10.94 -3.00
N PRO A 109 -16.97 11.72 -4.08
CA PRO A 109 -16.35 13.03 -4.32
C PRO A 109 -16.45 14.00 -3.14
N GLU A 110 -17.65 14.07 -2.56
CA GLU A 110 -17.89 14.97 -1.44
C GLU A 110 -17.08 14.60 -0.20
N ASP A 111 -16.56 13.37 -0.16
CA ASP A 111 -15.80 12.93 1.00
C ASP A 111 -14.34 12.68 0.65
N GLN A 112 -13.99 12.88 -0.62
CA GLN A 112 -12.64 12.62 -1.10
C GLN A 112 -12.32 11.19 -0.67
N ALA A 113 -13.29 10.31 -0.92
CA ALA A 113 -13.14 8.91 -0.55
C ALA A 113 -13.59 7.97 -1.67
N VAL A 114 -13.30 6.69 -1.47
CA VAL A 114 -13.68 5.66 -2.43
C VAL A 114 -14.12 4.41 -1.66
N ILE A 115 -15.05 3.66 -2.24
CA ILE A 115 -15.51 2.42 -1.64
C ILE A 115 -15.31 1.39 -2.75
N ASN A 116 -14.73 0.25 -2.41
CA ASN A 116 -14.51 -0.79 -3.42
C ASN A 116 -14.76 -2.18 -2.84
N ARG A 117 -15.18 -3.08 -3.72
CA ARG A 117 -15.42 -4.47 -3.33
C ARG A 117 -15.01 -5.36 -4.50
N TYR A 118 -13.78 -5.18 -4.97
CA TYR A 118 -13.26 -5.98 -6.07
C TYR A 118 -13.26 -7.47 -5.77
N GLY A 119 -12.87 -7.83 -4.55
CA GLY A 119 -12.84 -9.23 -4.18
C GLY A 119 -11.64 -9.98 -4.73
N PHE A 120 -10.49 -9.33 -4.80
CA PHE A 120 -9.27 -9.96 -5.29
C PHE A 120 -9.29 -10.40 -6.75
N ASN A 121 -9.62 -9.50 -7.66
CA ASN A 121 -9.58 -9.86 -9.08
C ASN A 121 -8.07 -9.97 -9.34
N SER A 122 -7.64 -11.09 -9.90
CA SER A 122 -6.22 -11.29 -10.12
C SER A 122 -5.84 -12.20 -11.29
N HIS A 123 -4.75 -11.85 -11.97
CA HIS A 123 -4.26 -12.63 -13.09
C HIS A 123 -3.61 -13.93 -12.58
N GLY A 124 -3.36 -13.99 -11.27
CA GLY A 124 -2.75 -15.18 -10.71
C GLY A 124 -1.23 -15.14 -10.63
N LEU A 125 -0.68 -15.99 -9.77
CA LEU A 125 0.76 -16.05 -9.56
C LEU A 125 1.58 -16.29 -10.84
N SER A 126 1.19 -17.29 -11.62
CA SER A 126 1.91 -17.63 -12.85
C SER A 126 2.09 -16.47 -13.82
N VAL A 127 1.00 -15.75 -14.10
CA VAL A 127 1.09 -14.62 -15.02
C VAL A 127 1.95 -13.48 -14.44
N VAL A 128 1.74 -13.17 -13.16
CA VAL A 128 2.51 -12.10 -12.52
C VAL A 128 3.99 -12.48 -12.45
N GLU A 129 4.25 -13.74 -12.14
CA GLU A 129 5.63 -14.24 -12.06
C GLU A 129 6.41 -13.96 -13.33
N HIS A 130 5.84 -14.34 -14.47
CA HIS A 130 6.49 -14.13 -15.76
C HIS A 130 6.63 -12.66 -16.11
N ARG A 131 5.63 -11.87 -15.72
CA ARG A 131 5.65 -10.44 -15.97
C ARG A 131 6.80 -9.81 -15.19
N LEU A 132 6.99 -10.22 -13.95
CA LEU A 132 8.08 -9.68 -13.14
C LEU A 132 9.43 -10.21 -13.60
N ARG A 133 9.46 -11.47 -14.03
CA ARG A 133 10.72 -12.07 -14.51
C ARG A 133 11.23 -11.33 -15.75
N ALA A 134 10.31 -10.82 -16.56
CA ALA A 134 10.67 -10.11 -17.79
C ALA A 134 11.46 -8.83 -17.53
N ARG A 135 11.36 -8.32 -16.31
CA ARG A 135 12.06 -7.09 -15.94
C ARG A 135 12.83 -7.28 -14.63
N GLN A 136 13.08 -8.55 -14.28
CA GLN A 136 13.77 -8.88 -13.04
C GLN A 136 15.11 -8.17 -12.83
N GLN A 137 15.94 -8.13 -13.86
CA GLN A 137 17.24 -7.48 -13.73
C GLN A 137 17.10 -5.97 -13.64
N LYS A 138 16.14 -5.42 -14.37
CA LYS A 138 15.90 -3.98 -14.31
C LYS A 138 15.51 -3.62 -12.87
N GLN A 139 14.67 -4.46 -12.27
CA GLN A 139 14.24 -4.21 -10.90
C GLN A 139 15.42 -4.33 -9.94
N ALA A 140 16.34 -5.25 -10.23
CA ALA A 140 17.51 -5.42 -9.38
C ALA A 140 18.30 -4.12 -9.31
N LYS A 141 18.40 -3.42 -10.44
CA LYS A 141 19.13 -2.15 -10.47
C LYS A 141 18.33 -1.03 -9.82
N LEU A 142 17.00 -1.06 -9.97
CA LEU A 142 16.17 -0.03 -9.36
C LEU A 142 16.28 -0.14 -7.83
N THR A 143 16.15 -1.36 -7.33
CA THR A 143 16.25 -1.60 -5.89
C THR A 143 17.60 -1.11 -5.35
N GLU A 144 18.69 -1.56 -5.98
CA GLU A 144 20.02 -1.14 -5.56
C GLU A 144 20.10 0.39 -5.59
N ASP A 145 19.26 0.99 -6.42
CA ASP A 145 19.22 2.43 -6.60
C ASP A 145 18.25 3.15 -5.65
N GLY A 146 17.67 2.43 -4.70
CA GLY A 146 16.76 3.04 -3.76
C GLY A 146 15.28 3.02 -4.13
N LEU A 147 14.91 2.13 -5.05
CA LEU A 147 13.52 2.01 -5.51
C LEU A 147 13.05 0.56 -5.41
N PRO A 148 12.78 0.08 -4.17
CA PRO A 148 12.32 -1.26 -3.85
C PRO A 148 10.95 -1.65 -4.39
N LEU A 149 10.74 -2.95 -4.53
CA LEU A 149 9.48 -3.51 -5.02
C LEU A 149 8.85 -4.44 -3.99
N GLY A 150 7.56 -4.24 -3.74
CA GLY A 150 6.88 -5.10 -2.79
C GLY A 150 5.82 -5.90 -3.53
N VAL A 151 5.53 -7.10 -3.04
CA VAL A 151 4.50 -7.94 -3.64
C VAL A 151 3.51 -8.35 -2.56
N ASN A 152 2.26 -7.95 -2.75
CA ASN A 152 1.19 -8.22 -1.81
C ASN A 152 0.46 -9.50 -2.19
N LEU A 153 0.40 -10.45 -1.25
CA LEU A 153 -0.22 -11.75 -1.48
C LEU A 153 -1.62 -11.92 -0.92
N GLY A 154 -2.51 -12.52 -1.71
CA GLY A 154 -3.86 -12.76 -1.28
C GLY A 154 -4.17 -14.24 -1.41
N LYS A 155 -5.45 -14.60 -1.28
CA LYS A 155 -5.85 -15.99 -1.40
C LYS A 155 -7.12 -16.12 -2.23
N ASN A 156 -7.26 -17.26 -2.89
CA ASN A 156 -8.43 -17.49 -3.72
C ASN A 156 -9.71 -17.63 -2.92
N LYS A 157 -10.81 -17.20 -3.55
CA LYS A 157 -12.12 -17.26 -2.94
C LYS A 157 -12.52 -18.69 -2.56
N THR A 158 -12.25 -19.63 -3.44
CA THR A 158 -12.60 -21.03 -3.19
C THR A 158 -11.48 -21.86 -2.58
N SER A 159 -10.45 -21.20 -2.05
CA SER A 159 -9.34 -21.91 -1.43
C SER A 159 -9.78 -22.56 -0.13
N VAL A 160 -9.32 -23.78 0.11
CA VAL A 160 -9.67 -24.50 1.34
C VAL A 160 -8.54 -24.48 2.36
N ASP A 161 -7.37 -24.01 1.93
CA ASP A 161 -6.21 -23.94 2.82
C ASP A 161 -5.56 -22.57 2.69
N ALA A 162 -6.03 -21.61 3.47
CA ALA A 162 -5.51 -20.24 3.44
C ALA A 162 -4.00 -20.19 3.52
N ALA A 163 -3.44 -20.87 4.50
CA ALA A 163 -1.99 -20.89 4.70
C ALA A 163 -1.25 -21.39 3.47
N GLU A 164 -1.79 -22.39 2.79
CA GLU A 164 -1.13 -22.91 1.60
C GLU A 164 -1.15 -21.89 0.46
N ASP A 165 -2.23 -21.11 0.38
CA ASP A 165 -2.32 -20.08 -0.66
C ASP A 165 -1.18 -19.08 -0.49
N TYR A 166 -0.97 -18.62 0.74
CA TYR A 166 0.11 -17.66 0.99
C TYR A 166 1.48 -18.29 0.79
N ALA A 167 1.63 -19.53 1.23
CA ALA A 167 2.90 -20.25 1.08
C ALA A 167 3.26 -20.33 -0.40
N GLU A 168 2.25 -20.60 -1.23
CA GLU A 168 2.45 -20.70 -2.67
C GLU A 168 2.92 -19.34 -3.21
N GLY A 169 2.33 -18.27 -2.69
CA GLY A 169 2.70 -16.94 -3.10
C GLY A 169 4.13 -16.61 -2.72
N VAL A 170 4.54 -17.09 -1.54
CA VAL A 170 5.91 -16.86 -1.07
C VAL A 170 6.91 -17.56 -1.99
N ARG A 171 6.60 -18.80 -2.35
CA ARG A 171 7.48 -19.58 -3.22
C ARG A 171 7.61 -19.07 -4.65
N VAL A 172 6.51 -18.61 -5.22
CA VAL A 172 6.48 -18.13 -6.60
C VAL A 172 6.95 -16.70 -6.81
N LEU A 173 6.45 -15.77 -5.99
CA LEU A 173 6.84 -14.37 -6.15
C LEU A 173 7.87 -13.88 -5.14
N GLY A 174 8.04 -14.63 -4.06
CA GLY A 174 9.02 -14.24 -3.05
C GLY A 174 10.40 -13.96 -3.63
N PRO A 175 10.86 -14.79 -4.58
CA PRO A 175 12.18 -14.59 -5.18
C PRO A 175 12.31 -13.32 -6.01
N LEU A 176 11.17 -12.72 -6.37
CA LEU A 176 11.16 -11.52 -7.19
C LEU A 176 10.87 -10.22 -6.45
N ALA A 177 10.68 -10.30 -5.13
CA ALA A 177 10.35 -9.11 -4.36
C ALA A 177 11.32 -8.73 -3.26
N ASP A 178 11.33 -7.46 -2.92
CA ASP A 178 12.18 -6.97 -1.84
C ASP A 178 11.44 -7.23 -0.53
N TYR A 179 10.11 -7.19 -0.60
CA TYR A 179 9.30 -7.49 0.57
C TYR A 179 7.96 -8.08 0.12
N LEU A 180 7.43 -8.96 0.94
CA LEU A 180 6.15 -9.60 0.67
C LEU A 180 5.15 -9.11 1.71
N VAL A 181 3.88 -9.06 1.32
CA VAL A 181 2.85 -8.63 2.24
C VAL A 181 1.82 -9.72 2.39
N VAL A 182 1.58 -10.16 3.63
CA VAL A 182 0.57 -11.16 3.89
C VAL A 182 -0.68 -10.35 4.17
N ASN A 183 -1.53 -10.22 3.16
CA ASN A 183 -2.75 -9.45 3.28
C ASN A 183 -3.90 -10.25 3.87
N VAL A 184 -4.18 -10.01 5.15
CA VAL A 184 -5.27 -10.68 5.84
C VAL A 184 -6.25 -9.64 6.36
N SER A 185 -6.33 -8.51 5.67
CA SER A 185 -7.22 -7.43 6.10
C SER A 185 -8.19 -6.96 5.03
N SER A 186 -8.27 -7.69 3.93
CA SER A 186 -9.20 -7.34 2.87
C SER A 186 -10.60 -7.58 3.40
N PRO A 187 -11.48 -6.57 3.31
CA PRO A 187 -12.85 -6.72 3.79
C PRO A 187 -13.77 -7.35 2.74
N ASN A 188 -13.21 -7.64 1.57
CA ASN A 188 -14.01 -8.18 0.48
C ASN A 188 -13.84 -9.66 0.15
N THR A 189 -13.29 -10.43 1.08
CA THR A 189 -13.11 -11.86 0.87
C THR A 189 -13.63 -12.64 2.07
N ALA A 190 -14.57 -13.54 1.80
CA ALA A 190 -15.20 -14.39 2.81
C ALA A 190 -14.86 -14.00 4.24
N GLY A 191 -14.04 -14.81 4.88
CA GLY A 191 -13.64 -14.52 6.26
C GLY A 191 -12.14 -14.38 6.38
N LEU A 192 -11.54 -13.61 5.47
CA LEU A 192 -10.10 -13.39 5.49
C LEU A 192 -9.67 -12.73 6.80
N GLY A 197 -6.59 -12.85 13.97
CA GLY A 197 -6.74 -13.81 15.05
C GLY A 197 -5.40 -14.36 15.51
N LYS A 198 -5.15 -14.26 16.82
CA LYS A 198 -3.90 -14.73 17.41
C LYS A 198 -3.50 -16.16 17.01
N ALA A 199 -4.41 -17.10 17.21
CA ALA A 199 -4.14 -18.50 16.88
C ALA A 199 -3.89 -18.72 15.38
N GLU A 200 -4.85 -18.32 14.56
CA GLU A 200 -4.73 -18.48 13.12
C GLU A 200 -3.55 -17.70 12.54
N LEU A 201 -3.33 -16.50 13.04
CA LEU A 201 -2.23 -15.67 12.56
C LEU A 201 -0.88 -16.33 12.85
N ARG A 202 -0.72 -16.84 14.06
CA ARG A 202 0.54 -17.48 14.44
C ARG A 202 0.83 -18.66 13.52
N ARG A 203 -0.18 -19.51 13.32
CA ARG A 203 -0.04 -20.68 12.45
C ARG A 203 0.29 -20.26 11.02
N LEU A 204 -0.46 -19.29 10.51
CA LEU A 204 -0.27 -18.79 9.16
C LEU A 204 1.12 -18.19 8.94
N LEU A 205 1.54 -17.28 9.81
CA LEU A 205 2.83 -16.62 9.67
C LEU A 205 4.03 -17.54 9.90
N THR A 206 3.88 -18.54 10.75
CA THR A 206 4.97 -19.48 10.99
C THR A 206 5.28 -20.21 9.68
N LYS A 207 4.22 -20.63 8.99
CA LYS A 207 4.35 -21.33 7.73
C LYS A 207 4.91 -20.39 6.65
N VAL A 208 4.43 -19.16 6.63
CA VAL A 208 4.90 -18.17 5.67
C VAL A 208 6.39 -17.89 5.85
N LEU A 209 6.81 -17.67 7.09
CA LEU A 209 8.21 -17.39 7.38
C LEU A 209 9.13 -18.59 7.08
N GLN A 210 8.65 -19.79 7.36
CA GLN A 210 9.46 -20.98 7.08
C GLN A 210 9.69 -21.05 5.57
N GLU A 211 8.63 -20.83 4.80
CA GLU A 211 8.73 -20.86 3.35
C GLU A 211 9.71 -19.81 2.86
N ARG A 212 9.65 -18.63 3.48
CA ARG A 212 10.52 -17.51 3.14
C ARG A 212 11.99 -17.82 3.43
N ASP A 213 12.24 -18.39 4.62
CA ASP A 213 13.61 -18.72 5.03
C ASP A 213 14.21 -19.81 4.15
N GLY A 214 13.36 -20.56 3.45
CA GLY A 214 13.84 -21.62 2.58
C GLY A 214 14.31 -21.12 1.23
N LEU A 215 14.16 -19.82 0.98
CA LEU A 215 14.59 -19.24 -0.29
C LEU A 215 16.05 -18.82 -0.20
N ARG A 216 16.77 -18.89 -1.32
CA ARG A 216 18.17 -18.50 -1.36
C ARG A 216 18.32 -17.04 -0.91
N ARG A 217 19.44 -16.77 -0.24
CA ARG A 217 19.74 -15.44 0.31
C ARG A 217 19.37 -14.22 -0.54
N VAL A 218 19.88 -14.15 -1.77
CA VAL A 218 19.59 -12.99 -2.61
C VAL A 218 18.14 -12.91 -3.05
N HIS A 219 17.38 -13.99 -2.84
CA HIS A 219 15.98 -14.01 -3.23
C HIS A 219 15.08 -14.11 -2.00
N ARG A 220 15.63 -13.71 -0.86
CA ARG A 220 14.91 -13.78 0.40
C ARG A 220 14.36 -12.40 0.78
N PRO A 221 13.03 -12.22 0.65
CA PRO A 221 12.36 -10.96 0.98
C PRO A 221 11.96 -10.81 2.44
N ALA A 222 11.71 -9.56 2.82
CA ALA A 222 11.23 -9.27 4.16
C ALA A 222 9.75 -9.64 4.09
N VAL A 223 9.16 -10.00 5.22
CA VAL A 223 7.76 -10.36 5.26
C VAL A 223 7.00 -9.42 6.18
N LEU A 224 5.97 -8.77 5.64
CA LEU A 224 5.15 -7.84 6.39
C LEU A 224 3.70 -8.31 6.43
N VAL A 225 2.96 -7.86 7.44
CA VAL A 225 1.55 -8.21 7.56
C VAL A 225 0.74 -6.92 7.42
N LYS A 226 -0.27 -6.95 6.55
CA LYS A 226 -1.11 -5.77 6.36
C LYS A 226 -2.38 -5.99 7.15
N ILE A 227 -2.68 -5.05 8.04
CA ILE A 227 -3.86 -5.17 8.90
C ILE A 227 -4.95 -4.14 8.68
N ALA A 228 -6.12 -4.45 9.24
CA ALA A 228 -7.29 -3.59 9.13
C ALA A 228 -7.27 -2.47 10.16
N PRO A 229 -8.08 -1.43 9.92
CA PRO A 229 -8.21 -0.27 10.80
C PRO A 229 -9.40 -0.49 11.73
N ASP A 230 -10.04 -1.65 11.59
CA ASP A 230 -11.22 -1.97 12.39
C ASP A 230 -10.98 -3.02 13.49
N LEU A 231 -9.73 -3.17 13.90
CA LEU A 231 -9.37 -4.15 14.93
C LEU A 231 -9.71 -3.72 16.34
N THR A 232 -10.04 -4.68 17.20
CA THR A 232 -10.33 -4.36 18.59
C THR A 232 -8.97 -4.15 19.23
N SER A 233 -8.96 -3.70 20.48
CA SER A 233 -7.70 -3.50 21.19
C SER A 233 -7.03 -4.85 21.41
N GLN A 234 -7.86 -5.87 21.63
CA GLN A 234 -7.36 -7.22 21.86
C GLN A 234 -6.67 -7.75 20.60
N ASP A 235 -7.29 -7.53 19.45
CA ASP A 235 -6.71 -7.97 18.18
C ASP A 235 -5.33 -7.38 17.95
N LYS A 236 -5.22 -6.07 18.12
CA LYS A 236 -3.96 -5.35 17.92
C LYS A 236 -2.89 -5.83 18.89
N GLU A 237 -3.33 -6.08 20.11
CA GLU A 237 -2.49 -6.55 21.19
C GLU A 237 -1.92 -7.93 20.80
N ASP A 238 -2.80 -8.81 20.30
CA ASP A 238 -2.37 -10.14 19.89
C ASP A 238 -1.47 -10.12 18.66
N ILE A 239 -1.79 -9.27 17.69
CA ILE A 239 -0.98 -9.17 16.49
C ILE A 239 0.44 -8.75 16.85
N ALA A 240 0.56 -7.74 17.72
CA ALA A 240 1.86 -7.25 18.14
C ALA A 240 2.65 -8.36 18.81
N SER A 241 1.95 -9.15 19.63
CA SER A 241 2.60 -10.26 20.33
C SER A 241 3.12 -11.32 19.36
N VAL A 242 2.29 -11.71 18.41
CA VAL A 242 2.68 -12.71 17.41
C VAL A 242 3.83 -12.19 16.56
N VAL A 243 3.75 -10.92 16.16
CA VAL A 243 4.78 -10.30 15.34
C VAL A 243 6.15 -10.37 16.02
N LYS A 244 6.17 -10.06 17.31
CA LYS A 244 7.41 -10.08 18.07
C LYS A 244 7.86 -11.52 18.34
N GLU A 245 6.89 -12.41 18.53
CA GLU A 245 7.19 -13.82 18.80
C GLU A 245 7.85 -14.50 17.59
N LEU A 246 7.33 -14.26 16.39
CA LEU A 246 7.84 -14.87 15.18
C LEU A 246 8.92 -14.08 14.45
N GLY A 247 9.10 -12.82 14.83
CA GLY A 247 10.11 -12.01 14.15
C GLY A 247 9.64 -11.43 12.83
N ILE A 248 8.34 -11.16 12.71
CA ILE A 248 7.80 -10.57 11.48
C ILE A 248 8.59 -9.30 11.22
N ASP A 249 9.01 -9.08 9.98
CA ASP A 249 9.82 -7.92 9.62
C ASP A 249 9.13 -6.55 9.67
N GLY A 250 7.81 -6.52 9.48
CA GLY A 250 7.11 -5.25 9.52
C GLY A 250 5.60 -5.34 9.38
N LEU A 251 4.94 -4.19 9.46
CA LEU A 251 3.49 -4.12 9.35
C LEU A 251 3.05 -3.02 8.38
N ILE A 252 1.95 -3.26 7.69
CA ILE A 252 1.40 -2.23 6.79
C ILE A 252 0.07 -1.89 7.46
N VAL A 253 -0.05 -0.63 7.87
CA VAL A 253 -1.20 -0.11 8.59
C VAL A 253 -1.73 1.14 7.88
N THR A 254 -2.95 1.13 7.33
CA THR A 254 -3.88 0.00 7.35
C THR A 254 -4.52 -0.23 5.98
N ASN A 255 -5.44 -1.20 5.93
CA ASN A 255 -6.19 -1.52 4.72
C ASN A 255 -7.43 -0.61 4.77
N THR A 256 -8.41 -0.85 3.89
CA THR A 256 -9.62 -0.03 3.90
C THR A 256 -10.50 -0.37 5.12
N THR A 257 -11.45 0.49 5.45
CA THR A 257 -12.32 0.27 6.60
C THR A 257 -13.75 -0.15 6.21
N VAL A 258 -14.33 -1.05 6.99
CA VAL A 258 -15.71 -1.49 6.74
C VAL A 258 -16.64 -0.58 7.54
N SER A 259 -16.07 0.35 8.27
CA SER A 259 -16.88 1.28 9.04
C SER A 259 -17.32 2.39 8.09
N ARG A 260 -18.31 3.16 8.52
CA ARG A 260 -18.80 4.28 7.73
C ARG A 260 -18.87 5.44 8.72
N PRO A 261 -17.77 6.16 8.87
CA PRO A 261 -17.67 7.31 9.77
C PRO A 261 -18.85 8.25 9.61
N ALA A 262 -19.32 8.80 10.74
CA ALA A 262 -20.43 9.73 10.69
C ALA A 262 -19.94 10.94 9.90
N GLY A 263 -20.81 11.51 9.08
CA GLY A 263 -20.42 12.66 8.29
C GLY A 263 -20.26 12.43 6.80
N LEU A 264 -20.17 11.18 6.37
CA LEU A 264 -20.03 10.88 4.94
C LEU A 264 -21.18 11.53 4.19
N GLN A 265 -20.86 12.22 3.10
CA GLN A 265 -21.87 12.90 2.29
C GLN A 265 -22.17 12.23 0.96
N GLY A 266 -21.21 11.47 0.44
CA GLY A 266 -21.40 10.79 -0.82
C GLY A 266 -22.68 9.99 -0.90
N ALA A 267 -23.34 10.04 -2.06
CA ALA A 267 -24.58 9.31 -2.28
C ALA A 267 -24.38 7.79 -2.21
N LEU A 268 -23.17 7.33 -2.49
CA LEU A 268 -22.87 5.90 -2.50
C LEU A 268 -22.22 5.41 -1.20
N ARG A 269 -22.36 6.20 -0.14
CA ARG A 269 -21.77 5.87 1.16
C ARG A 269 -22.20 4.53 1.74
N SER A 270 -23.38 4.07 1.38
CA SER A 270 -23.88 2.80 1.90
C SER A 270 -23.62 1.57 1.04
N GLU A 271 -22.80 1.72 0.01
CA GLU A 271 -22.42 0.58 -0.83
C GLU A 271 -21.53 -0.31 0.03
N THR A 272 -21.59 -1.61 -0.20
CA THR A 272 -20.78 -2.55 0.55
C THR A 272 -19.34 -2.49 0.05
N GLY A 273 -18.39 -2.63 0.97
CA GLY A 273 -16.99 -2.60 0.59
C GLY A 273 -16.11 -1.87 1.59
N GLY A 274 -14.84 -1.70 1.22
CA GLY A 274 -13.91 -1.00 2.08
C GLY A 274 -13.82 0.44 1.66
N LEU A 275 -13.85 1.33 2.64
CA LEU A 275 -13.79 2.77 2.41
C LEU A 275 -12.35 3.25 2.54
N SER A 276 -11.92 4.10 1.61
CA SER A 276 -10.56 4.63 1.63
C SER A 276 -10.61 6.15 1.47
N GLY A 277 -9.47 6.82 1.61
CA GLY A 277 -9.46 8.26 1.46
C GLY A 277 -9.48 9.04 2.76
N LYS A 278 -9.83 10.32 2.66
CA LYS A 278 -9.83 11.19 3.83
C LYS A 278 -10.56 10.67 5.07
N PRO A 279 -11.77 10.09 4.92
CA PRO A 279 -12.48 9.58 6.11
C PRO A 279 -11.74 8.48 6.85
N LEU A 280 -10.77 7.86 6.19
CA LEU A 280 -9.98 6.79 6.79
C LEU A 280 -8.68 7.31 7.40
N ARG A 281 -8.19 8.45 6.92
CA ARG A 281 -6.92 8.99 7.38
C ARG A 281 -6.54 8.87 8.85
N ASP A 282 -7.26 9.55 9.73
CA ASP A 282 -6.93 9.53 11.15
C ASP A 282 -7.13 8.20 11.87
N LEU A 283 -8.10 7.40 11.43
CA LEU A 283 -8.32 6.10 12.03
C LEU A 283 -7.05 5.27 11.74
N SER A 284 -6.48 5.48 10.57
CA SER A 284 -5.24 4.77 10.19
C SER A 284 -4.06 5.29 10.98
N THR A 285 -3.93 6.61 11.07
CA THR A 285 -2.83 7.20 11.83
C THR A 285 -2.86 6.70 13.26
N GLN A 286 -4.05 6.65 13.85
CA GLN A 286 -4.18 6.17 15.22
C GLN A 286 -3.81 4.70 15.35
N THR A 287 -4.10 3.91 14.33
CA THR A 287 -3.77 2.49 14.35
C THR A 287 -2.24 2.36 14.29
N ILE A 288 -1.61 3.23 13.52
CA ILE A 288 -0.16 3.22 13.41
C ILE A 288 0.46 3.56 14.76
N ARG A 289 -0.08 4.59 15.39
CA ARG A 289 0.40 5.05 16.69
C ARG A 289 0.36 3.91 17.71
N GLU A 290 -0.77 3.23 17.78
CA GLU A 290 -0.95 2.12 18.70
C GLU A 290 -0.04 0.93 18.41
N MET A 291 0.11 0.54 17.14
CA MET A 291 0.97 -0.59 16.79
C MET A 291 2.45 -0.28 17.03
N TYR A 292 2.83 0.97 16.82
CA TYR A 292 4.20 1.39 17.05
C TYR A 292 4.51 1.21 18.53
N ALA A 293 3.59 1.65 19.39
CA ALA A 293 3.76 1.54 20.84
C ALA A 293 3.77 0.09 21.32
N LEU A 294 2.85 -0.72 20.80
CA LEU A 294 2.76 -2.13 21.19
C LEU A 294 4.00 -2.92 20.76
N THR A 295 4.71 -2.44 19.74
CA THR A 295 5.92 -3.13 19.27
C THR A 295 7.18 -2.41 19.72
N GLN A 296 7.03 -1.44 20.63
CA GLN A 296 8.17 -0.70 21.15
C GLN A 296 9.01 -0.01 20.10
N GLY A 297 8.37 0.37 18.99
CA GLY A 297 9.09 1.04 17.93
C GLY A 297 10.20 0.23 17.29
N ARG A 298 10.15 -1.10 17.46
CA ARG A 298 11.18 -1.98 16.90
C ARG A 298 10.73 -2.71 15.64
N VAL A 299 9.47 -2.50 15.24
CA VAL A 299 8.94 -3.17 14.06
C VAL A 299 8.55 -2.13 13.02
N PRO A 300 9.29 -2.08 11.90
CA PRO A 300 9.02 -1.13 10.82
C PRO A 300 7.55 -1.11 10.40
N ILE A 301 7.01 0.09 10.27
CA ILE A 301 5.61 0.23 9.87
C ILE A 301 5.45 1.06 8.60
N ILE A 302 4.64 0.57 7.68
CA ILE A 302 4.35 1.33 6.47
C ILE A 302 2.95 1.87 6.73
N GLY A 303 2.84 3.19 6.82
CA GLY A 303 1.55 3.82 7.08
C GLY A 303 0.75 4.12 5.83
N VAL A 304 -0.51 3.69 5.82
CA VAL A 304 -1.38 3.87 4.66
C VAL A 304 -2.79 4.20 5.10
N GLY A 305 -3.45 5.10 4.38
CA GLY A 305 -4.80 5.46 4.72
C GLY A 305 -5.04 6.96 4.67
N GLY A 306 -5.66 7.42 3.58
CA GLY A 306 -5.97 8.83 3.43
C GLY A 306 -4.83 9.83 3.36
N VAL A 307 -3.70 9.45 2.80
CA VAL A 307 -2.58 10.39 2.67
C VAL A 307 -2.73 11.16 1.35
N SER A 308 -2.85 12.48 1.45
CA SER A 308 -2.99 13.31 0.26
C SER A 308 -2.14 14.58 0.29
N SER A 309 -1.34 14.74 1.34
CA SER A 309 -0.49 15.92 1.47
C SER A 309 0.72 15.63 2.35
N GLY A 310 1.67 16.56 2.35
CA GLY A 310 2.86 16.38 3.17
C GLY A 310 2.50 16.26 4.64
N GLN A 311 1.52 17.03 5.09
CA GLN A 311 1.12 16.96 6.48
C GLN A 311 0.58 15.58 6.82
N ASP A 312 -0.25 15.02 5.95
CA ASP A 312 -0.80 13.68 6.17
C ASP A 312 0.31 12.66 6.34
N ALA A 313 1.32 12.75 5.49
CA ALA A 313 2.45 11.83 5.53
C ALA A 313 3.27 11.99 6.80
N LEU A 314 3.57 13.24 7.16
CA LEU A 314 4.35 13.50 8.35
C LEU A 314 3.63 13.05 9.62
N GLU A 315 2.29 13.19 9.66
CA GLU A 315 1.56 12.77 10.84
C GLU A 315 1.71 11.26 11.07
N LYS A 316 1.68 10.50 9.98
CA LYS A 316 1.84 9.05 10.08
C LYS A 316 3.28 8.71 10.42
N ILE A 317 4.23 9.47 9.89
CA ILE A 317 5.64 9.22 10.17
C ILE A 317 5.91 9.50 11.65
N ARG A 318 5.46 10.66 12.14
CA ARG A 318 5.65 11.02 13.55
C ARG A 318 4.91 10.02 14.45
N ALA A 319 3.85 9.42 13.94
CA ALA A 319 3.07 8.45 14.70
C ALA A 319 3.79 7.10 14.78
N GLY A 320 4.78 6.89 13.91
CA GLY A 320 5.53 5.65 13.94
C GLY A 320 5.85 4.99 12.61
N ALA A 321 5.35 5.53 11.51
CA ALA A 321 5.61 4.93 10.20
C ALA A 321 6.98 5.31 9.65
N SER A 322 7.69 4.34 9.09
CA SER A 322 9.00 4.58 8.50
C SER A 322 8.81 4.94 7.04
N LEU A 323 7.67 4.51 6.48
CA LEU A 323 7.30 4.76 5.10
C LEU A 323 5.78 4.94 5.03
N VAL A 324 5.30 5.57 3.96
CA VAL A 324 3.86 5.75 3.80
C VAL A 324 3.49 5.43 2.35
N GLN A 325 2.21 5.12 2.14
CA GLN A 325 1.70 4.83 0.81
C GLN A 325 0.40 5.58 0.61
N LEU A 326 0.02 5.78 -0.64
CA LEU A 326 -1.24 6.45 -0.95
C LEU A 326 -1.82 5.79 -2.18
N TYR A 327 -3.12 5.89 -2.33
CA TYR A 327 -3.80 5.34 -3.49
C TYR A 327 -4.97 6.25 -3.86
N THR A 328 -5.95 6.35 -2.97
CA THR A 328 -7.14 7.15 -3.25
C THR A 328 -6.86 8.60 -3.65
N ALA A 329 -5.85 9.23 -3.05
CA ALA A 329 -5.52 10.61 -3.40
C ALA A 329 -5.12 10.71 -4.86
N LEU A 330 -4.51 9.65 -5.38
CA LEU A 330 -4.09 9.62 -6.78
C LEU A 330 -5.31 9.61 -7.69
N THR A 331 -6.38 8.97 -7.25
CA THR A 331 -7.59 8.88 -8.07
C THR A 331 -8.35 10.21 -8.15
N PHE A 332 -8.07 11.13 -7.24
CA PHE A 332 -8.75 12.42 -7.25
C PHE A 332 -7.88 13.53 -7.83
N TRP A 333 -6.60 13.55 -7.45
CA TRP A 333 -5.68 14.58 -7.89
C TRP A 333 -4.81 14.23 -9.09
N GLY A 334 -4.64 12.94 -9.34
CA GLY A 334 -3.80 12.52 -10.45
C GLY A 334 -2.34 12.51 -10.07
N PRO A 335 -1.46 12.06 -10.97
CA PRO A 335 0.00 11.96 -10.79
C PRO A 335 0.69 13.10 -10.05
N PRO A 336 0.26 14.36 -10.28
CA PRO A 336 0.91 15.48 -9.58
C PRO A 336 0.91 15.40 -8.06
N VAL A 337 -0.03 14.67 -7.48
CA VAL A 337 -0.10 14.58 -6.03
C VAL A 337 1.17 13.98 -5.42
N VAL A 338 1.84 13.11 -6.18
CA VAL A 338 3.05 12.48 -5.67
C VAL A 338 4.16 13.51 -5.37
N GLY A 339 4.44 14.38 -6.33
CA GLY A 339 5.47 15.39 -6.10
C GLY A 339 5.00 16.35 -5.02
N LYS A 340 3.72 16.67 -5.04
CA LYS A 340 3.14 17.58 -4.06
C LYS A 340 3.40 17.08 -2.64
N VAL A 341 3.08 15.81 -2.41
CA VAL A 341 3.26 15.21 -1.09
C VAL A 341 4.73 15.24 -0.66
N LYS A 342 5.63 14.89 -1.58
CA LYS A 342 7.05 14.88 -1.27
C LYS A 342 7.61 16.28 -1.01
N ARG A 343 7.17 17.26 -1.79
CA ARG A 343 7.63 18.63 -1.61
C ARG A 343 7.17 19.19 -0.27
N GLU A 344 5.91 18.96 0.06
CA GLU A 344 5.36 19.44 1.33
C GLU A 344 5.99 18.72 2.53
N LEU A 345 6.27 17.43 2.39
CA LEU A 345 6.87 16.68 3.47
C LEU A 345 8.26 17.24 3.78
N GLU A 346 9.02 17.50 2.72
CA GLU A 346 10.37 18.05 2.87
C GLU A 346 10.32 19.40 3.59
N ALA A 347 9.42 20.27 3.17
CA ALA A 347 9.28 21.59 3.79
C ALA A 347 8.90 21.48 5.27
N LEU A 348 7.96 20.60 5.58
CA LEU A 348 7.51 20.41 6.96
C LEU A 348 8.60 19.84 7.85
N LEU A 349 9.39 18.90 7.32
CA LEU A 349 10.48 18.32 8.08
C LEU A 349 11.43 19.44 8.51
N LYS A 350 11.75 20.34 7.57
CA LYS A 350 12.64 21.46 7.85
C LYS A 350 12.05 22.38 8.91
N GLU A 351 10.81 22.78 8.70
CA GLU A 351 10.12 23.67 9.62
C GLU A 351 10.04 23.11 11.03
N GLN A 352 9.96 21.79 11.15
CA GLN A 352 9.86 21.18 12.47
C GLN A 352 11.17 20.70 13.08
N GLY A 353 12.28 21.11 12.48
CA GLY A 353 13.59 20.76 13.00
C GLY A 353 14.14 19.35 12.79
N PHE A 354 13.55 18.59 11.88
CA PHE A 354 14.04 17.23 11.63
C PHE A 354 15.14 17.25 10.56
N GLY A 355 16.24 16.57 10.84
CA GLY A 355 17.32 16.51 9.88
C GLY A 355 16.89 15.74 8.64
N GLY A 356 15.96 14.81 8.83
CA GLY A 356 15.46 14.02 7.72
C GLY A 356 14.29 13.18 8.16
N VAL A 357 13.72 12.42 7.24
CA VAL A 357 12.59 11.55 7.52
C VAL A 357 12.87 10.63 8.71
N THR A 358 14.05 10.02 8.70
CA THR A 358 14.46 9.09 9.75
C THR A 358 14.31 9.67 11.15
N ASP A 359 14.71 10.93 11.31
CA ASP A 359 14.63 11.60 12.62
C ASP A 359 13.19 11.78 13.08
N ALA A 360 12.26 11.87 12.14
CA ALA A 360 10.86 12.08 12.48
C ALA A 360 10.06 10.82 12.81
N ILE A 361 10.57 9.65 12.42
CA ILE A 361 9.88 8.39 12.68
C ILE A 361 9.62 8.18 14.17
N GLY A 362 8.34 8.15 14.53
CA GLY A 362 7.95 7.95 15.92
C GLY A 362 8.18 9.13 16.85
N ALA A 363 8.48 10.30 16.28
CA ALA A 363 8.74 11.49 17.08
C ALA A 363 7.69 11.82 18.13
N ASP A 364 6.41 11.56 17.83
CA ASP A 364 5.33 11.86 18.77
C ASP A 364 5.44 11.05 20.06
N HIS A 365 6.05 9.88 19.98
CA HIS A 365 6.18 9.00 21.14
C HIS A 365 7.30 9.38 22.10
N ARG A 366 8.24 10.21 21.65
CA ARG A 366 9.35 10.61 22.52
C ARG A 366 9.22 12.03 23.05
N ARG A 367 8.10 12.68 22.78
CA ARG A 367 7.89 14.04 23.26
C ARG A 367 7.62 14.02 24.75
S SO4 B . 21.05 -16.79 -7.09
O1 SO4 B . 22.13 -15.86 -6.72
O2 SO4 B . 20.31 -17.19 -5.88
O3 SO4 B . 20.14 -16.13 -8.05
O4 SO4 B . 21.64 -17.98 -7.73
C ACT C . -4.58 11.53 15.54
O ACT C . -4.64 12.44 16.44
OXT ACT C . -3.58 10.79 15.33
CH3 ACT C . -5.83 11.39 14.70
N1 FMN D . -4.99 -3.36 -0.48
C2 FMN D . -4.39 -4.57 -0.55
O2 FMN D . -3.64 -5.01 0.30
N3 FMN D . -4.64 -5.39 -1.70
C4 FMN D . -5.46 -5.03 -2.73
O4 FMN D . -5.63 -5.80 -3.70
C4A FMN D . -6.11 -3.72 -2.66
N5 FMN D . -6.92 -3.29 -3.63
C5A FMN D . -7.51 -2.04 -3.53
C6 FMN D . -8.38 -1.52 -4.57
C7 FMN D . -8.97 -0.28 -4.53
C7M FMN D . -9.87 0.26 -5.65
C8 FMN D . -8.70 0.58 -3.37
C8M FMN D . -9.27 1.97 -3.22
C9 FMN D . -7.88 0.10 -2.37
C9A FMN D . -7.26 -1.17 -2.39
N10 FMN D . -6.40 -1.68 -1.38
C10 FMN D . -5.80 -2.92 -1.45
C1' FMN D . -6.14 -0.84 -0.18
C2' FMN D . -5.02 0.18 -0.32
O2' FMN D . -3.75 -0.47 -0.54
C3' FMN D . -4.89 1.03 0.98
O3' FMN D . -4.56 0.15 2.10
C4' FMN D . -6.16 1.79 1.37
O4' FMN D . -6.92 2.16 0.19
C5' FMN D . -5.89 3.06 2.14
O5' FMN D . -5.12 3.99 1.38
P FMN D . -5.69 5.26 0.61
O1P FMN D . -4.50 6.07 0.26
O2P FMN D . -6.40 4.70 -0.62
O3P FMN D . -6.68 5.94 1.58
N1 ORO E . -10.10 -4.13 -1.54
C2 ORO E . -9.49 -3.46 -0.47
O2 ORO E . -9.85 -2.34 -0.13
N3 ORO E . -8.47 -4.13 0.18
C4 ORO E . -7.98 -5.40 -0.12
O4 ORO E . -7.08 -5.89 0.51
C5 ORO E . -8.65 -6.05 -1.24
C6 ORO E . -9.65 -5.41 -1.89
C7 ORO E . -10.41 -6.04 -3.06
O71 ORO E . -11.64 -6.05 -3.09
O72 ORO E . -9.61 -6.52 -3.89
C1 3FT F . -1.50 8.55 -15.27
C2 3FT F . -1.60 9.79 -15.97
C3 3FT F . -2.80 10.58 -15.87
O4 3FT F . -2.87 11.78 -16.57
C5 3FT F . -3.33 11.63 -17.95
F6 3FT F . -4.58 11.09 -18.01
F7 3FT F . -3.36 12.85 -18.53
F8 3FT F . -2.47 10.85 -18.69
C9 3FT F . -3.89 10.12 -15.04
C10 3FT F . -3.79 8.87 -14.33
C11 3FT F . -4.84 8.34 -13.52
C12 3FT F . -2.57 8.11 -14.47
C13 3FT F . -4.57 7.78 -12.22
C14 3FT F . -5.61 7.19 -11.44
F15 3FT F . -5.32 6.68 -10.26
C16 3FT F . -6.95 7.15 -11.95
N17 3FT F . -7.95 6.53 -11.18
C18 3FT F . -7.23 7.71 -13.24
C19 3FT F . -6.19 8.30 -14.02
C20 3FT F . -9.29 6.80 -10.95
C21 3FT F . -10.17 5.96 -10.13
O22 3FT F . -9.79 7.81 -11.47
C23 3FT F . -9.90 4.80 -9.47
C24 3FT F . -11.13 4.32 -8.78
C25 3FT F . -11.96 5.58 -8.69
C26 3FT F . -11.60 6.33 -9.94
C27 3FT F . -8.66 4.02 -9.36
O28 3FT F . -7.56 4.44 -9.72
O29 3FT F . -8.72 2.76 -8.84
#